data_1F3R
#
_entry.id   1F3R
#
_cell.length_a   1.000
_cell.length_b   1.000
_cell.length_c   1.000
_cell.angle_alpha   90.00
_cell.angle_beta   90.00
_cell.angle_gamma   90.00
#
_symmetry.space_group_name_H-M   'P 1'
#
loop_
_entity.id
_entity.type
_entity.pdbx_description
1 polymer 'ACETYLCHOLINE RECEPTOR ALPHA'
2 polymer 'FV ANTIBODY FRAGMENT'
#
loop_
_entity_poly.entity_id
_entity_poly.type
_entity_poly.pdbx_seq_one_letter_code
_entity_poly.pdbx_strand_id
1 'polypeptide(L)' WNPGDYGGI(NLE) A
2 'polypeptide(L)'
;QVQLLESGPGLVRPSETLSLTCTVSGFSLTSFSVSWVRHPSGKGPEWMGRMWYDGYTAYNSALKSRLSISRDTSKNQVFL
KMNSLQTDDTGTYYCTRDLYGGYPLGFWYFDFWGPGTMVTVSSGGGGSGGGGSGGGGSDIKLTQSPSLLSASVGDRVTLS
CKGSQNINNYLAWYQQKLGEAPKLLIYNTNSLQTGIPSRFSGSGSGTDYTLTISSLQPEDVATYFCYQYNNGYTFGAGTK
LELKAAEQKLISEEDLN
;
B
#
# COMPACT_ATOMS: atom_id res chain seq x y z
N TRP A 1 8.62 -13.15 -2.28
CA TRP A 1 8.35 -13.90 -3.54
C TRP A 1 9.61 -14.11 -4.46
N ASN A 2 10.20 -13.06 -5.07
CA ASN A 2 11.16 -13.22 -6.21
C ASN A 2 12.48 -12.37 -6.01
N PRO A 3 13.72 -12.80 -6.45
CA PRO A 3 14.89 -11.89 -6.61
C PRO A 3 14.66 -10.61 -7.50
N GLY A 4 14.43 -9.45 -6.87
CA GLY A 4 13.66 -8.34 -7.51
C GLY A 4 12.82 -7.52 -6.51
N ASP A 5 11.74 -8.10 -5.96
CA ASP A 5 11.24 -7.71 -4.60
C ASP A 5 12.21 -8.05 -3.41
N TYR A 6 12.81 -9.26 -3.39
CA TYR A 6 14.01 -9.56 -2.55
C TYR A 6 15.27 -8.81 -3.10
N GLY A 7 15.57 -7.59 -2.60
CA GLY A 7 16.65 -6.76 -3.17
C GLY A 7 18.01 -6.84 -2.43
N GLY A 8 18.03 -6.38 -1.17
CA GLY A 8 19.22 -6.55 -0.28
C GLY A 8 18.84 -6.68 1.22
N ILE A 9 18.19 -7.77 1.64
CA ILE A 9 17.62 -7.92 3.02
C ILE A 9 18.10 -9.20 3.82
N GLN B 1 12.25 19.30 -8.65
CA GLN B 1 11.04 18.49 -8.35
C GLN B 1 11.11 17.03 -8.93
N VAL B 2 10.60 16.04 -8.17
CA VAL B 2 10.45 14.63 -8.65
C VAL B 2 8.92 14.26 -8.55
N GLN B 3 8.20 14.20 -9.68
CA GLN B 3 6.71 14.05 -9.71
C GLN B 3 6.28 12.75 -10.44
N LEU B 4 5.75 11.76 -9.71
CA LEU B 4 5.31 10.47 -10.31
C LEU B 4 3.80 10.52 -10.75
N LEU B 5 3.54 10.74 -12.05
CA LEU B 5 2.15 10.89 -12.59
C LEU B 5 1.64 9.52 -13.17
N GLU B 6 0.97 8.70 -12.34
CA GLU B 6 0.32 7.45 -12.82
C GLU B 6 -1.06 7.72 -13.54
N SER B 7 -1.14 7.35 -14.82
CA SER B 7 -2.26 7.75 -15.71
C SER B 7 -3.32 6.63 -15.85
N GLY B 8 -4.60 7.01 -15.71
CA GLY B 8 -5.75 6.05 -15.77
C GLY B 8 -7.08 6.68 -16.29
N PRO B 9 -8.00 5.96 -16.98
CA PRO B 9 -9.18 6.60 -17.65
C PRO B 9 -10.45 6.98 -16.81
N GLY B 10 -10.50 6.75 -15.49
CA GLY B 10 -11.76 6.93 -14.69
C GLY B 10 -12.76 5.75 -14.69
N LEU B 11 -13.26 5.38 -15.87
CA LEU B 11 -14.10 4.16 -16.07
C LEU B 11 -13.47 3.24 -17.18
N VAL B 12 -13.37 1.92 -16.91
CA VAL B 12 -12.95 0.91 -17.93
C VAL B 12 -13.86 -0.36 -17.87
N ARG B 13 -14.12 -0.98 -19.03
CA ARG B 13 -14.98 -2.19 -19.14
C ARG B 13 -14.25 -3.53 -18.73
N PRO B 14 -14.80 -4.41 -17.83
CA PRO B 14 -14.30 -5.80 -17.63
C PRO B 14 -14.10 -6.71 -18.89
N SER B 15 -13.26 -7.76 -18.73
CA SER B 15 -12.75 -8.64 -19.83
C SER B 15 -11.48 -8.15 -20.61
N GLU B 16 -11.34 -6.85 -20.95
CA GLU B 16 -10.23 -6.36 -21.84
C GLU B 16 -8.88 -6.09 -21.07
N THR B 17 -8.16 -4.97 -21.33
CA THR B 17 -6.79 -4.72 -20.82
C THR B 17 -6.62 -3.21 -20.40
N LEU B 18 -6.04 -2.96 -19.21
CA LEU B 18 -5.76 -1.59 -18.69
C LEU B 18 -4.22 -1.30 -18.61
N SER B 19 -3.70 -0.39 -19.45
CA SER B 19 -2.27 0.05 -19.40
C SER B 19 -2.01 1.29 -18.47
N LEU B 20 -1.83 1.06 -17.17
CA LEU B 20 -1.53 2.13 -16.17
C LEU B 20 -0.09 2.73 -16.36
N THR B 21 -0.01 4.00 -16.79
CA THR B 21 1.27 4.59 -17.29
C THR B 21 1.84 5.64 -16.29
N CYS B 22 2.92 5.29 -15.56
CA CYS B 22 3.64 6.24 -14.68
C CYS B 22 4.70 7.12 -15.43
N THR B 23 4.28 8.31 -15.86
CA THR B 23 5.18 9.34 -16.46
C THR B 23 5.89 10.15 -15.32
N VAL B 24 7.20 9.92 -15.14
CA VAL B 24 7.96 10.45 -13.96
C VAL B 24 8.79 11.72 -14.37
N SER B 25 8.36 12.92 -13.95
CA SER B 25 9.14 14.17 -14.17
C SER B 25 10.22 14.36 -13.05
N GLY B 26 11.42 13.81 -13.28
CA GLY B 26 12.54 13.87 -12.29
C GLY B 26 13.68 12.85 -12.49
N PHE B 27 13.41 11.55 -12.30
CA PHE B 27 14.46 10.49 -12.29
C PHE B 27 14.45 9.54 -13.54
N SER B 28 15.63 9.00 -13.91
CA SER B 28 15.73 7.90 -14.93
C SER B 28 15.37 6.49 -14.33
N LEU B 29 14.54 5.72 -15.04
CA LEU B 29 13.82 4.53 -14.48
C LEU B 29 14.64 3.37 -13.81
N THR B 30 15.82 3.02 -14.35
CA THR B 30 16.79 2.06 -13.70
C THR B 30 17.35 2.47 -12.29
N SER B 31 17.42 3.77 -11.94
CA SER B 31 17.89 4.25 -10.60
C SER B 31 16.93 3.89 -9.41
N PHE B 32 15.79 4.58 -9.23
CA PHE B 32 14.91 4.37 -8.04
C PHE B 32 13.64 3.54 -8.41
N SER B 33 13.79 2.20 -8.48
CA SER B 33 12.74 1.26 -9.00
C SER B 33 11.25 1.45 -8.56
N VAL B 34 10.33 1.50 -9.54
CA VAL B 34 8.88 1.80 -9.28
C VAL B 34 8.11 0.54 -8.78
N SER B 35 7.48 0.69 -7.60
CA SER B 35 6.59 -0.34 -7.00
C SER B 35 5.08 0.01 -7.15
N TRP B 36 4.24 -0.95 -7.56
CA TRP B 36 2.83 -0.67 -7.94
C TRP B 36 1.84 -1.25 -6.86
N VAL B 37 0.92 -0.43 -6.34
CA VAL B 37 0.05 -0.80 -5.18
C VAL B 37 -1.43 -0.39 -5.48
N ARG B 38 -2.38 -1.34 -5.49
CA ARG B 38 -3.84 -1.02 -5.61
C ARG B 38 -4.54 -0.91 -4.21
N HIS B 39 -5.33 0.14 -3.98
CA HIS B 39 -6.24 0.22 -2.79
C HIS B 39 -7.73 0.27 -3.30
N PRO B 40 -8.53 -0.85 -3.34
CA PRO B 40 -9.92 -0.81 -3.88
C PRO B 40 -11.01 -0.12 -3.00
N SER B 41 -12.15 0.19 -3.62
CA SER B 41 -13.28 0.93 -2.99
C SER B 41 -14.03 0.14 -1.88
N GLY B 42 -13.54 0.29 -0.63
CA GLY B 42 -13.98 -0.54 0.52
C GLY B 42 -13.27 -1.90 0.78
N LYS B 43 -11.96 -2.03 0.49
CA LYS B 43 -11.20 -3.30 0.71
C LYS B 43 -9.84 -3.07 1.46
N GLY B 44 -8.83 -2.45 0.81
CA GLY B 44 -7.50 -2.23 1.44
C GLY B 44 -6.26 -2.40 0.51
N PRO B 45 -5.00 -2.13 0.96
CA PRO B 45 -3.81 -2.11 0.05
C PRO B 45 -3.24 -3.52 -0.33
N GLU B 46 -3.34 -3.89 -1.62
CA GLU B 46 -2.60 -5.04 -2.19
C GLU B 46 -1.34 -4.53 -2.98
N TRP B 47 -0.14 -5.03 -2.66
CA TRP B 47 1.05 -4.87 -3.54
C TRP B 47 0.91 -5.73 -4.83
N MET B 48 0.89 -5.10 -6.00
CA MET B 48 0.77 -5.78 -7.31
C MET B 48 2.14 -6.28 -7.89
N GLY B 49 3.18 -5.42 -7.95
CA GLY B 49 4.53 -5.83 -8.40
C GLY B 49 5.63 -4.76 -8.37
N ARG B 50 6.89 -5.14 -8.61
CA ARG B 50 8.03 -4.16 -8.80
C ARG B 50 8.96 -4.60 -9.97
N MET B 51 9.15 -3.73 -10.99
CA MET B 51 10.27 -3.87 -11.95
C MET B 51 11.58 -3.23 -11.37
N TRP B 52 12.57 -4.07 -11.04
CA TRP B 52 13.75 -3.64 -10.24
C TRP B 52 14.91 -2.92 -11.07
N TYR B 53 16.05 -2.63 -10.43
CA TYR B 53 17.10 -1.70 -10.96
C TYR B 53 17.70 -2.04 -12.37
N ASP B 54 18.23 -3.27 -12.56
CA ASP B 54 18.63 -3.77 -13.90
C ASP B 54 17.45 -4.12 -14.88
N GLY B 55 16.50 -4.97 -14.45
CA GLY B 55 15.32 -5.37 -15.27
C GLY B 55 14.71 -6.72 -14.87
N TYR B 56 14.02 -6.77 -13.71
CA TYR B 56 13.29 -7.99 -13.26
C TYR B 56 11.87 -7.59 -12.74
N THR B 57 10.82 -8.10 -13.38
CA THR B 57 9.40 -7.87 -12.95
C THR B 57 8.96 -8.91 -11.85
N ALA B 58 9.06 -8.55 -10.57
CA ALA B 58 8.58 -9.39 -9.44
C ALA B 58 7.09 -9.12 -9.07
N TYR B 59 6.29 -10.16 -8.79
CA TYR B 59 4.80 -10.06 -8.77
C TYR B 59 4.11 -10.76 -7.57
N ASN B 60 2.84 -10.36 -7.34
CA ASN B 60 1.91 -11.03 -6.40
C ASN B 60 1.49 -12.47 -6.84
N SER B 61 1.44 -13.44 -5.92
CA SER B 61 0.93 -14.82 -6.22
C SER B 61 -0.55 -14.96 -6.73
N ALA B 62 -1.50 -14.14 -6.25
CA ALA B 62 -2.84 -14.00 -6.89
C ALA B 62 -2.85 -13.20 -8.24
N LEU B 63 -2.30 -11.97 -8.29
CA LEU B 63 -2.13 -11.20 -9.57
C LEU B 63 -0.74 -11.48 -10.24
N LYS B 64 -0.60 -12.66 -10.88
CA LYS B 64 0.71 -13.11 -11.45
C LYS B 64 0.72 -12.99 -13.01
N SER B 65 0.11 -13.94 -13.76
CA SER B 65 0.04 -13.90 -15.26
C SER B 65 -0.92 -12.85 -15.94
N ARG B 66 -1.78 -12.15 -15.19
CA ARG B 66 -2.43 -10.88 -15.64
C ARG B 66 -1.46 -9.66 -15.93
N LEU B 67 -0.38 -9.49 -15.15
CA LEU B 67 0.40 -8.23 -15.10
C LEU B 67 1.66 -8.27 -16.01
N SER B 68 1.76 -7.33 -16.97
CA SER B 68 2.95 -7.21 -17.87
C SER B 68 3.56 -5.77 -17.80
N ILE B 69 4.71 -5.60 -17.10
CA ILE B 69 5.42 -4.29 -17.06
C ILE B 69 6.44 -4.19 -18.26
N SER B 70 6.08 -3.41 -19.30
CA SER B 70 7.10 -2.76 -20.16
C SER B 70 7.52 -1.34 -19.62
N ARG B 71 8.69 -0.82 -20.01
CA ARG B 71 9.13 0.55 -19.62
C ARG B 71 9.95 1.28 -20.73
N ASP B 72 9.59 2.54 -21.03
CA ASP B 72 10.40 3.39 -21.94
C ASP B 72 11.28 4.37 -21.10
N THR B 73 12.56 4.00 -20.89
CA THR B 73 13.53 4.82 -20.09
C THR B 73 13.95 6.21 -20.71
N SER B 74 13.95 6.36 -22.05
CA SER B 74 14.08 7.70 -22.72
C SER B 74 12.85 8.67 -22.56
N LYS B 75 11.60 8.20 -22.71
CA LYS B 75 10.38 9.02 -22.38
C LYS B 75 9.97 9.11 -20.86
N ASN B 76 10.69 8.45 -19.92
CA ASN B 76 10.35 8.41 -18.46
C ASN B 76 8.98 7.69 -18.08
N GLN B 77 8.61 6.59 -18.76
CA GLN B 77 7.25 5.97 -18.62
C GLN B 77 7.32 4.46 -18.19
N VAL B 78 6.75 4.10 -17.03
CA VAL B 78 6.56 2.67 -16.62
C VAL B 78 5.08 2.23 -16.96
N PHE B 79 4.92 1.21 -17.81
CA PHE B 79 3.60 0.78 -18.35
C PHE B 79 3.14 -0.58 -17.68
N LEU B 80 2.31 -0.53 -16.62
CA LEU B 80 1.68 -1.76 -16.07
C LEU B 80 0.42 -2.20 -16.90
N LYS B 81 0.60 -3.19 -17.77
CA LYS B 81 -0.49 -3.72 -18.65
C LYS B 81 -1.28 -4.86 -17.94
N MET B 82 -2.47 -4.53 -17.41
CA MET B 82 -3.32 -5.45 -16.62
C MET B 82 -4.36 -6.18 -17.53
N ASN B 83 -4.07 -7.43 -17.92
CA ASN B 83 -4.91 -8.23 -18.86
C ASN B 83 -6.02 -9.07 -18.15
N SER B 84 -7.18 -9.27 -18.81
CA SER B 84 -8.34 -10.05 -18.26
C SER B 84 -9.05 -9.37 -17.03
N LEU B 85 -9.71 -8.23 -17.30
CA LEU B 85 -10.21 -7.31 -16.22
C LEU B 85 -11.47 -7.82 -15.45
N GLN B 86 -11.39 -7.90 -14.10
CA GLN B 86 -12.51 -8.43 -13.26
C GLN B 86 -13.39 -7.31 -12.61
N THR B 87 -14.70 -7.58 -12.46
CA THR B 87 -15.72 -6.63 -11.91
C THR B 87 -15.47 -5.98 -10.49
N ASP B 88 -14.81 -6.67 -9.56
CA ASP B 88 -14.37 -6.10 -8.24
C ASP B 88 -13.08 -5.20 -8.26
N ASP B 89 -12.37 -4.96 -9.38
CA ASP B 89 -11.14 -4.11 -9.42
C ASP B 89 -11.37 -2.56 -9.53
N THR B 90 -12.41 -2.00 -8.89
CA THR B 90 -12.60 -0.52 -8.73
C THR B 90 -11.70 0.02 -7.59
N GLY B 91 -10.74 0.91 -7.91
CA GLY B 91 -9.76 1.38 -6.89
C GLY B 91 -8.87 2.58 -7.23
N THR B 92 -8.19 3.09 -6.20
CA THR B 92 -7.12 4.12 -6.36
C THR B 92 -5.73 3.42 -6.56
N TYR B 93 -5.14 3.56 -7.75
CA TYR B 93 -3.95 2.80 -8.19
C TYR B 93 -2.66 3.67 -8.03
N TYR B 94 -1.71 3.22 -7.20
CA TYR B 94 -0.49 3.99 -6.83
C TYR B 94 0.80 3.48 -7.54
N CYS B 95 1.72 4.40 -7.88
CA CYS B 95 3.12 4.07 -8.27
C CYS B 95 4.14 4.73 -7.29
N THR B 96 5.08 3.96 -6.74
CA THR B 96 5.91 4.39 -5.58
C THR B 96 7.44 4.32 -5.90
N ARG B 97 8.16 5.45 -5.77
CA ARG B 97 9.64 5.50 -5.91
C ARG B 97 10.42 4.88 -4.71
N ASP B 98 11.56 4.25 -5.02
CA ASP B 98 12.50 3.71 -4.00
C ASP B 98 13.31 4.81 -3.20
N LEU B 99 13.71 4.50 -1.96
CA LEU B 99 14.76 5.27 -1.22
C LEU B 99 16.24 4.99 -1.66
N TYR B 100 16.60 3.73 -1.97
CA TYR B 100 17.92 3.38 -2.56
C TYR B 100 17.92 3.49 -4.12
N GLY B 101 18.94 4.17 -4.68
CA GLY B 101 19.08 4.34 -6.16
C GLY B 101 20.19 3.47 -6.77
N GLY B 102 19.85 2.27 -7.25
CA GLY B 102 20.86 1.29 -7.77
C GLY B 102 21.54 0.33 -6.76
N TYR B 103 21.99 0.85 -5.62
CA TYR B 103 22.71 0.07 -4.56
C TYR B 103 21.76 -0.75 -3.60
N PRO B 104 21.77 -2.13 -3.51
CA PRO B 104 20.82 -2.87 -2.61
C PRO B 104 21.06 -2.95 -1.07
N LEU B 105 22.29 -2.83 -0.56
CA LEU B 105 22.71 -3.35 0.77
C LEU B 105 22.02 -2.77 2.06
N GLY B 106 21.21 -3.59 2.75
CA GLY B 106 20.37 -3.13 3.90
C GLY B 106 19.12 -2.30 3.52
N PHE B 107 18.15 -2.91 2.83
CA PHE B 107 17.22 -2.16 1.94
C PHE B 107 16.22 -1.19 2.66
N TRP B 108 16.40 0.13 2.47
CA TRP B 108 15.54 1.20 3.06
C TRP B 108 14.04 1.29 2.54
N TYR B 109 13.76 0.82 1.33
CA TYR B 109 12.38 0.69 0.74
C TYR B 109 11.87 1.96 -0.01
N PHE B 110 10.88 2.71 0.48
CA PHE B 110 10.03 3.57 -0.40
C PHE B 110 9.81 5.03 0.15
N ASP B 111 9.93 6.04 -0.73
CA ASP B 111 9.66 7.47 -0.39
C ASP B 111 8.45 8.08 -1.17
N PHE B 112 8.59 8.43 -2.46
CA PHE B 112 7.57 9.23 -3.18
C PHE B 112 6.46 8.32 -3.81
N TRP B 113 5.35 8.17 -3.08
CA TRP B 113 4.07 7.67 -3.61
C TRP B 113 3.38 8.74 -4.53
N GLY B 114 3.05 8.39 -5.78
CA GLY B 114 2.20 9.26 -6.64
C GLY B 114 0.73 9.47 -6.18
N PRO B 115 -0.11 10.36 -6.80
CA PRO B 115 -1.45 10.72 -6.22
C PRO B 115 -2.61 9.65 -6.14
N GLY B 116 -2.47 8.46 -6.75
CA GLY B 116 -3.56 7.45 -6.79
C GLY B 116 -4.61 7.68 -7.89
N THR B 117 -4.49 7.02 -9.04
CA THR B 117 -5.49 7.15 -10.14
C THR B 117 -6.77 6.28 -9.88
N MET B 118 -7.91 6.94 -9.66
CA MET B 118 -9.20 6.25 -9.37
C MET B 118 -9.86 5.66 -10.66
N VAL B 119 -9.65 4.35 -10.90
CA VAL B 119 -10.13 3.66 -12.12
C VAL B 119 -11.24 2.63 -11.71
N THR B 120 -12.46 2.85 -12.19
CA THR B 120 -13.61 1.93 -11.98
C THR B 120 -13.59 0.78 -13.05
N VAL B 121 -13.05 -0.40 -12.67
CA VAL B 121 -13.08 -1.62 -13.53
C VAL B 121 -14.43 -2.40 -13.30
N SER B 122 -15.58 -1.81 -13.69
CA SER B 122 -16.93 -2.28 -13.29
C SER B 122 -18.02 -1.61 -14.16
N SER B 123 -18.66 -2.35 -15.07
CA SER B 123 -19.71 -1.79 -15.98
C SER B 123 -21.13 -1.70 -15.31
N GLY B 124 -21.29 -0.75 -14.37
CA GLY B 124 -22.53 -0.63 -13.54
C GLY B 124 -22.44 -1.30 -12.15
N GLY B 125 -21.69 -0.71 -11.21
CA GLY B 125 -21.55 -1.27 -9.83
C GLY B 125 -20.55 -0.54 -8.93
N GLY B 126 -19.25 -0.86 -9.06
CA GLY B 126 -18.18 -0.20 -8.26
C GLY B 126 -17.84 -0.83 -6.89
N GLY B 127 -18.62 -0.52 -5.86
CA GLY B 127 -18.35 -1.02 -4.47
C GLY B 127 -19.52 -0.88 -3.48
N SER B 128 -19.75 0.34 -2.96
CA SER B 128 -20.93 0.64 -2.09
C SER B 128 -21.57 2.03 -2.41
N GLY B 129 -22.92 2.10 -2.42
CA GLY B 129 -23.66 3.36 -2.71
C GLY B 129 -25.17 3.33 -2.42
N GLY B 130 -25.89 4.34 -2.90
CA GLY B 130 -27.38 4.41 -2.76
C GLY B 130 -27.97 5.80 -3.05
N GLY B 131 -28.39 6.51 -2.01
CA GLY B 131 -29.03 7.85 -2.17
C GLY B 131 -29.16 8.63 -0.85
N GLY B 132 -28.08 9.31 -0.42
CA GLY B 132 -28.02 9.91 0.95
C GLY B 132 -27.56 8.92 2.05
N SER B 133 -28.44 8.01 2.47
CA SER B 133 -28.03 6.84 3.30
C SER B 133 -27.56 5.63 2.40
N GLY B 134 -26.29 5.64 1.98
CA GLY B 134 -25.72 4.60 1.08
C GLY B 134 -24.21 4.70 0.85
N GLY B 135 -23.41 3.93 1.60
CA GLY B 135 -21.93 3.95 1.50
C GLY B 135 -21.23 3.41 2.76
N GLY B 136 -20.54 2.25 2.67
CA GLY B 136 -19.88 1.64 3.85
C GLY B 136 -19.46 0.16 3.69
N GLY B 137 -18.14 -0.11 3.70
CA GLY B 137 -17.59 -1.48 3.58
C GLY B 137 -16.06 -1.54 3.75
N SER B 138 -15.53 -2.50 4.54
CA SER B 138 -14.06 -2.61 4.80
C SER B 138 -13.70 -3.98 5.46
N ASP B 139 -13.27 -4.99 4.68
CA ASP B 139 -13.00 -6.37 5.20
C ASP B 139 -11.67 -6.95 4.63
N ILE B 140 -10.62 -7.02 5.48
CA ILE B 140 -9.24 -7.47 5.08
C ILE B 140 -8.65 -8.47 6.16
N LYS B 141 -7.73 -9.36 5.74
CA LYS B 141 -7.32 -10.56 6.53
C LYS B 141 -6.19 -10.37 7.61
N LEU B 142 -5.06 -9.71 7.32
CA LEU B 142 -3.85 -9.71 8.21
C LEU B 142 -4.09 -9.05 9.61
N THR B 143 -4.01 -9.86 10.67
CA THR B 143 -4.48 -9.48 12.04
C THR B 143 -3.64 -8.36 12.74
N GLN B 144 -4.13 -7.11 12.68
CA GLN B 144 -3.57 -5.95 13.44
C GLN B 144 -4.53 -5.55 14.61
N SER B 145 -4.06 -5.64 15.86
CA SER B 145 -4.94 -5.60 17.06
C SER B 145 -4.57 -4.44 18.07
N PRO B 146 -5.39 -3.39 18.37
CA PRO B 146 -6.75 -3.18 17.79
C PRO B 146 -6.78 -2.33 16.47
N SER B 147 -7.35 -2.86 15.38
CA SER B 147 -7.63 -2.03 14.17
C SER B 147 -8.76 -0.96 14.37
N LEU B 148 -9.96 -1.34 14.84
CA LEU B 148 -10.96 -0.37 15.36
C LEU B 148 -10.67 0.00 16.85
N LEU B 149 -10.33 1.28 17.12
CA LEU B 149 -9.95 1.76 18.48
C LEU B 149 -10.63 3.11 18.89
N SER B 150 -10.51 3.49 20.18
CA SER B 150 -11.06 4.77 20.71
C SER B 150 -10.03 5.54 21.61
N ALA B 151 -8.97 6.11 21.01
CA ALA B 151 -7.91 6.87 21.76
C ALA B 151 -8.00 8.42 21.54
N SER B 152 -7.93 9.19 22.64
CA SER B 152 -7.92 10.69 22.57
C SER B 152 -6.48 11.31 22.57
N VAL B 153 -6.39 12.65 22.35
CA VAL B 153 -5.08 13.39 22.37
C VAL B 153 -4.38 13.30 23.77
N GLY B 154 -3.13 12.80 23.81
CA GLY B 154 -2.46 12.37 25.07
C GLY B 154 -2.42 10.85 25.42
N ASP B 155 -3.38 10.04 24.95
CA ASP B 155 -3.50 8.60 25.34
C ASP B 155 -2.54 7.65 24.56
N ARG B 156 -1.71 6.88 25.30
CA ARG B 156 -0.83 5.83 24.70
C ARG B 156 -1.63 4.55 24.26
N VAL B 157 -1.48 4.13 22.99
CA VAL B 157 -2.17 2.93 22.43
C VAL B 157 -1.22 2.06 21.54
N THR B 158 -1.20 0.73 21.75
CA THR B 158 -0.26 -0.21 21.05
C THR B 158 -0.98 -1.10 20.00
N LEU B 159 -0.55 -1.01 18.73
CA LEU B 159 -1.07 -1.86 17.62
C LEU B 159 -0.21 -3.15 17.44
N SER B 160 -0.74 -4.31 17.83
CA SER B 160 -0.03 -5.61 17.71
C SER B 160 -0.33 -6.32 16.35
N CYS B 161 0.63 -6.25 15.41
CA CYS B 161 0.55 -6.95 14.11
C CYS B 161 1.02 -8.44 14.21
N LYS B 162 0.05 -9.37 14.30
CA LYS B 162 0.31 -10.83 14.14
C LYS B 162 0.24 -11.20 12.62
N GLY B 163 1.36 -11.66 12.05
CA GLY B 163 1.41 -12.15 10.64
C GLY B 163 0.78 -13.54 10.38
N SER B 164 0.05 -13.68 9.26
CA SER B 164 -0.46 -14.99 8.77
C SER B 164 0.61 -16.11 8.46
N GLN B 165 1.76 -15.74 7.87
CA GLN B 165 3.01 -16.57 7.92
C GLN B 165 4.20 -15.77 8.56
N ASN B 166 5.21 -16.47 9.09
CA ASN B 166 6.33 -15.86 9.88
C ASN B 166 7.24 -14.84 9.09
N ILE B 167 7.53 -13.70 9.73
CA ILE B 167 8.22 -12.52 9.10
C ILE B 167 9.74 -12.35 9.52
N ASN B 168 10.22 -12.95 10.64
CA ASN B 168 11.64 -12.82 11.15
C ASN B 168 11.95 -11.44 11.81
N ASN B 169 12.25 -10.40 11.03
CA ASN B 169 12.33 -8.98 11.50
C ASN B 169 11.88 -7.89 10.44
N TYR B 170 11.21 -8.28 9.34
CA TYR B 170 11.25 -7.52 8.06
C TYR B 170 9.88 -6.82 7.77
N LEU B 171 9.65 -5.67 8.42
CA LEU B 171 8.33 -4.99 8.42
C LEU B 171 8.52 -3.45 8.31
N ALA B 172 7.94 -2.80 7.29
CA ALA B 172 7.83 -1.31 7.24
C ALA B 172 6.40 -0.82 7.63
N TRP B 173 6.32 0.07 8.64
CA TRP B 173 5.04 0.64 9.13
C TRP B 173 4.64 1.90 8.28
N TYR B 174 3.51 1.86 7.58
CA TYR B 174 3.08 2.96 6.66
C TYR B 174 1.84 3.73 7.20
N GLN B 175 2.01 5.01 7.57
CA GLN B 175 0.92 5.87 8.10
C GLN B 175 0.09 6.56 6.95
N GLN B 176 -1.11 6.06 6.66
CA GLN B 176 -2.09 6.76 5.77
C GLN B 176 -3.05 7.67 6.61
N LYS B 177 -2.89 9.00 6.51
CA LYS B 177 -3.87 9.97 7.08
C LYS B 177 -5.13 10.13 6.15
N LEU B 178 -6.22 10.75 6.67
CA LEU B 178 -7.44 11.04 5.87
C LEU B 178 -7.19 12.05 4.69
N GLY B 179 -7.43 11.60 3.44
CA GLY B 179 -6.95 12.34 2.23
C GLY B 179 -5.46 12.25 1.80
N GLU B 180 -4.72 11.20 2.18
CA GLU B 180 -3.25 11.09 1.93
C GLU B 180 -2.85 9.70 1.31
N ALA B 181 -1.70 9.65 0.61
CA ALA B 181 -1.02 8.37 0.26
C ALA B 181 -0.22 7.73 1.47
N PRO B 182 -0.11 6.38 1.67
CA PRO B 182 0.64 5.78 2.82
C PRO B 182 2.13 6.22 3.02
N LYS B 183 2.45 6.95 4.10
CA LYS B 183 3.80 7.50 4.36
C LYS B 183 4.73 6.51 5.14
N LEU B 184 5.97 6.26 4.67
CA LEU B 184 6.94 5.38 5.41
C LEU B 184 7.40 5.99 6.78
N LEU B 185 7.00 5.33 7.87
CA LEU B 185 7.24 5.80 9.26
C LEU B 185 8.51 5.12 9.90
N ILE B 186 8.53 3.77 10.00
CA ILE B 186 9.68 3.00 10.59
C ILE B 186 9.94 1.76 9.67
N TYR B 187 11.18 1.59 9.16
CA TYR B 187 11.61 0.40 8.36
C TYR B 187 12.36 -0.70 9.21
N ASN B 188 12.42 -1.93 8.67
CA ASN B 188 13.06 -3.12 9.33
C ASN B 188 12.62 -3.44 10.81
N THR B 189 11.30 -3.36 11.09
CA THR B 189 10.75 -3.30 12.48
C THR B 189 11.13 -2.00 13.28
N ASN B 190 12.38 -1.90 13.76
CA ASN B 190 12.85 -0.76 14.60
C ASN B 190 14.10 -0.04 13.96
N SER B 191 13.86 0.75 12.91
CA SER B 191 14.85 1.71 12.33
C SER B 191 14.05 2.91 11.73
N LEU B 192 14.11 4.08 12.36
CA LEU B 192 13.24 5.24 12.00
C LEU B 192 13.72 5.99 10.71
N GLN B 193 12.77 6.49 9.90
CA GLN B 193 13.08 7.31 8.69
C GLN B 193 13.75 8.68 9.06
N THR B 194 14.87 9.05 8.41
CA THR B 194 15.64 10.29 8.68
C THR B 194 14.80 11.61 8.57
N GLY B 195 14.45 12.23 9.72
CA GLY B 195 13.33 13.23 9.76
C GLY B 195 12.38 13.13 10.97
N ILE B 196 11.85 11.93 11.28
CA ILE B 196 10.89 11.74 12.41
C ILE B 196 11.61 11.44 13.80
N PRO B 197 11.39 12.20 14.92
CA PRO B 197 11.90 11.84 16.26
C PRO B 197 11.45 10.46 16.89
N SER B 198 12.10 10.05 17.99
CA SER B 198 11.77 8.80 18.73
C SER B 198 10.42 8.83 19.53
N ARG B 199 9.32 8.59 18.81
CA ARG B 199 7.93 8.74 19.36
C ARG B 199 6.97 7.56 18.96
N PHE B 200 6.92 7.15 17.68
CA PHE B 200 6.21 5.91 17.25
C PHE B 200 7.18 4.68 17.31
N SER B 201 7.09 3.84 18.35
CA SER B 201 8.05 2.72 18.55
C SER B 201 7.51 1.35 18.03
N GLY B 202 7.93 0.93 16.83
CA GLY B 202 7.65 -0.43 16.29
C GLY B 202 8.60 -1.53 16.80
N SER B 203 8.12 -2.41 17.70
CA SER B 203 9.01 -3.35 18.46
C SER B 203 8.52 -4.83 18.40
N GLY B 204 9.35 -5.75 17.88
CA GLY B 204 9.05 -7.21 17.91
C GLY B 204 9.95 -8.10 17.02
N SER B 205 9.74 -9.42 17.13
CA SER B 205 10.52 -10.43 16.37
C SER B 205 9.69 -11.72 16.04
N GLY B 206 9.98 -12.34 14.89
CA GLY B 206 9.26 -13.55 14.44
C GLY B 206 7.89 -13.26 13.77
N THR B 207 6.80 -13.42 14.53
CA THR B 207 5.41 -13.24 14.00
C THR B 207 4.60 -12.02 14.59
N ASP B 208 4.82 -11.60 15.85
CA ASP B 208 4.01 -10.54 16.53
C ASP B 208 4.82 -9.21 16.75
N TYR B 209 4.29 -8.08 16.25
CA TYR B 209 5.07 -6.81 16.12
C TYR B 209 4.27 -5.58 16.65
N THR B 210 4.81 -4.86 17.63
CA THR B 210 4.03 -3.89 18.47
C THR B 210 4.37 -2.40 18.14
N LEU B 211 3.48 -1.67 17.43
CA LEU B 211 3.61 -0.20 17.20
C LEU B 211 2.93 0.59 18.36
N THR B 212 3.72 1.05 19.35
CA THR B 212 3.21 1.94 20.43
C THR B 212 3.18 3.43 19.94
N ILE B 213 1.95 3.96 19.81
CA ILE B 213 1.71 5.42 19.61
C ILE B 213 1.84 6.10 21.02
N SER B 214 3.03 6.65 21.36
CA SER B 214 3.30 7.17 22.74
C SER B 214 2.62 8.55 23.05
N SER B 215 3.20 9.68 22.61
CA SER B 215 2.53 11.02 22.71
C SER B 215 1.56 11.25 21.51
N LEU B 216 0.26 11.03 21.75
CA LEU B 216 -0.77 11.10 20.68
C LEU B 216 -1.22 12.57 20.38
N GLN B 217 -0.64 13.18 19.34
CA GLN B 217 -1.08 14.50 18.81
C GLN B 217 -2.17 14.37 17.66
N PRO B 218 -2.92 15.42 17.21
CA PRO B 218 -3.88 15.31 16.06
C PRO B 218 -3.43 14.65 14.71
N GLU B 219 -2.18 14.86 14.27
CA GLU B 219 -1.52 14.03 13.21
C GLU B 219 -1.44 12.47 13.40
N ASP B 220 -1.46 11.97 14.63
CA ASP B 220 -1.47 10.51 14.97
C ASP B 220 -2.82 9.74 14.70
N VAL B 221 -3.94 10.42 14.39
CA VAL B 221 -5.25 9.80 14.01
C VAL B 221 -5.19 9.30 12.52
N ALA B 222 -4.66 8.08 12.31
CA ALA B 222 -4.26 7.58 10.97
C ALA B 222 -4.32 6.02 10.85
N THR B 223 -4.14 5.50 9.63
CA THR B 223 -4.25 4.05 9.31
C THR B 223 -2.82 3.43 9.12
N TYR B 224 -2.36 2.59 10.06
CA TYR B 224 -0.91 2.19 10.15
C TYR B 224 -0.66 0.76 9.55
N PHE B 225 -0.36 0.68 8.25
CA PHE B 225 -0.27 -0.63 7.52
C PHE B 225 1.10 -1.34 7.72
N CYS B 226 1.07 -2.66 8.03
CA CYS B 226 2.31 -3.48 8.11
C CYS B 226 2.72 -4.10 6.73
N TYR B 227 3.75 -3.53 6.07
CA TYR B 227 4.34 -4.13 4.84
C TYR B 227 5.40 -5.20 5.19
N GLN B 228 4.98 -6.47 5.19
CA GLN B 228 5.88 -7.62 5.50
C GLN B 228 6.69 -8.09 4.25
N TYR B 229 8.03 -8.14 4.38
CA TYR B 229 8.95 -8.48 3.25
C TYR B 229 9.88 -9.68 3.61
N ASN B 230 9.32 -10.91 3.64
CA ASN B 230 10.06 -12.15 4.00
C ASN B 230 9.50 -13.40 3.24
N ASN B 231 8.23 -13.76 3.46
CA ASN B 231 7.53 -14.84 2.71
C ASN B 231 6.89 -14.27 1.39
N GLY B 232 5.63 -13.83 1.42
CA GLY B 232 5.09 -12.86 0.44
C GLY B 232 5.52 -11.39 0.66
N TYR B 233 4.95 -10.51 -0.16
CA TYR B 233 5.10 -9.03 -0.02
C TYR B 233 3.67 -8.42 0.08
N THR B 234 3.11 -8.35 1.30
CA THR B 234 1.71 -7.89 1.54
C THR B 234 1.68 -6.67 2.52
N PHE B 235 0.88 -5.65 2.20
CA PHE B 235 0.42 -4.64 3.20
C PHE B 235 -0.80 -5.19 4.00
N GLY B 236 -0.74 -5.22 5.33
CA GLY B 236 -1.88 -5.70 6.16
C GLY B 236 -3.04 -4.73 6.43
N ALA B 237 -3.84 -5.03 7.48
CA ALA B 237 -5.13 -4.33 7.74
C ALA B 237 -5.12 -2.82 8.13
N GLY B 238 -4.21 -2.38 9.01
CA GLY B 238 -4.14 -0.96 9.48
C GLY B 238 -5.03 -0.59 10.68
N THR B 239 -5.51 0.64 10.70
CA THR B 239 -6.24 1.23 11.87
C THR B 239 -7.37 2.21 11.39
N LYS B 240 -8.57 2.15 12.00
CA LYS B 240 -9.67 3.11 11.73
C LYS B 240 -10.41 3.54 13.05
N LEU B 241 -10.94 4.78 13.06
CA LEU B 241 -11.75 5.30 14.20
C LEU B 241 -13.27 5.09 13.92
N GLU B 242 -13.97 4.36 14.81
CA GLU B 242 -15.44 4.13 14.71
C GLU B 242 -16.29 5.33 15.27
N LEU B 243 -17.09 5.98 14.41
CA LEU B 243 -17.94 7.14 14.81
C LEU B 243 -19.32 6.65 15.37
N LYS B 244 -19.54 6.75 16.69
CA LYS B 244 -20.79 6.24 17.35
C LYS B 244 -22.12 6.97 16.94
N ALA B 245 -22.17 8.31 16.97
CA ALA B 245 -23.33 9.08 16.43
C ALA B 245 -23.28 9.31 14.87
N ALA B 246 -23.38 8.23 14.10
CA ALA B 246 -23.29 8.23 12.62
C ALA B 246 -23.99 6.97 11.97
N GLU B 247 -24.14 6.96 10.63
CA GLU B 247 -24.59 5.74 9.89
C GLU B 247 -23.48 4.63 9.80
N GLN B 248 -23.45 3.70 10.77
CA GLN B 248 -22.38 2.65 10.85
C GLN B 248 -22.68 1.41 9.92
N LYS B 249 -22.38 1.55 8.62
CA LYS B 249 -22.67 0.49 7.60
C LYS B 249 -21.38 -0.34 7.25
N LEU B 250 -21.45 -1.67 7.37
CA LEU B 250 -20.34 -2.57 6.99
C LEU B 250 -20.79 -3.67 5.97
N ILE B 251 -20.72 -3.37 4.67
CA ILE B 251 -20.90 -4.36 3.56
C ILE B 251 -19.61 -5.25 3.44
N SER B 252 -19.78 -6.58 3.40
CA SER B 252 -18.64 -7.53 3.49
C SER B 252 -17.84 -7.74 2.16
N GLU B 253 -16.92 -6.80 1.88
CA GLU B 253 -16.08 -6.81 0.65
C GLU B 253 -14.73 -7.56 0.92
N GLU B 254 -14.63 -8.85 0.57
CA GLU B 254 -13.52 -9.74 1.02
C GLU B 254 -12.14 -9.52 0.31
N ASP B 255 -11.16 -8.94 1.03
CA ASP B 255 -9.75 -8.80 0.57
C ASP B 255 -8.82 -9.82 1.31
N LEU B 256 -8.17 -10.74 0.56
CA LEU B 256 -7.27 -11.76 1.15
C LEU B 256 -5.75 -11.33 1.10
N ASN B 257 -5.35 -10.45 2.03
CA ASN B 257 -3.92 -10.10 2.30
C ASN B 257 -3.74 -10.10 3.84
#